data_9JKL
#
_entry.id   9JKL
#
_cell.length_a   105.015
_cell.length_b   105.015
_cell.length_c   241.350
_cell.angle_alpha   90.00
_cell.angle_beta   90.00
_cell.angle_gamma   90.00
#
_symmetry.space_group_name_H-M   'P 41 21 2'
#
loop_
_entity.id
_entity.type
_entity.pdbx_description
1 polymer 'Lysine--tRNA ligase'
2 non-polymer LYSINE
3 non-polymer GLYCEROL
4 water water
#
_entity_poly.entity_id   1
_entity_poly.type   'polypeptide(L)'
_entity_poly.pdbx_seq_one_letter_code
;HHHHHHSSGLVPRGSHMASMTGGEEMGRMSEEMNDQMLVRRQKLQELYDLGIDPFGSKFDRSGLSSDLKEEWDQYSKEEL
VEKEADSHVAIAGRLMTKRGKGKAGFAHVQDLAGQIQIYVRKDQVGDDEFDLWKNADLGDIVGVEGVMFKTNTGELSVKA
KKFTLLTKSLRPLPDKFHGLQDIEQRYRQRYLDLITNEDSTRTFINRSKIIQEMRNYLNNKGFLEVETPMMHQIAGGAAA
RPFVTHHNALDATLYMRIAIELHLKRLIVGGLEKVYEIGRVFRNEGVSTRHNPEFTMIELYEAYADYHDIMDLTESMVRH
IANEVLGSAKVQYNGETIDLESAWTRLHIVDAVKEATGVDFYEVKSDEEAKALAKEHGIEIKDTMKYGHILNEFFEQKVE
ETLIQPTFIYGHPTEISPLAKKNPEDPRFTDRFELFIVGREHANAFTELNDPIDQKGRFEAQLVEKAQGNDEAHEMDEDY
IEALEYGMPPTGGLGIGIDRLVMLLTDSPSIRDVLLFPYMRQK
;
_entity_poly.pdbx_strand_id   A
#
loop_
_chem_comp.id
_chem_comp.type
_chem_comp.name
_chem_comp.formula
GOL non-polymer GLYCEROL 'C3 H8 O3'
#
# COMPACT_ATOMS: atom_id res chain seq x y z
N SER A 30 -29.29 7.31 -17.47
CA SER A 30 -29.40 7.72 -18.90
C SER A 30 -30.39 6.84 -19.68
N GLU A 31 -30.99 7.42 -20.72
CA GLU A 31 -31.91 6.69 -21.60
C GLU A 31 -31.17 5.72 -22.53
N GLU A 32 -30.04 6.17 -23.08
CA GLU A 32 -29.18 5.32 -23.93
C GLU A 32 -28.61 4.13 -23.16
N MET A 33 -28.16 4.37 -21.93
CA MET A 33 -27.61 3.33 -21.06
C MET A 33 -28.63 2.25 -20.73
N ASN A 34 -29.89 2.65 -20.48
CA ASN A 34 -30.98 1.72 -20.21
C ASN A 34 -31.34 0.88 -21.45
N ASP A 35 -31.25 1.48 -22.64
CA ASP A 35 -31.50 0.77 -23.90
C ASP A 35 -30.43 -0.29 -24.19
N GLN A 36 -29.16 0.06 -23.93
CA GLN A 36 -28.05 -0.90 -24.06
C GLN A 36 -28.22 -2.11 -23.15
N MET A 37 -28.60 -1.86 -21.90
CA MET A 37 -28.82 -2.93 -20.91
C MET A 37 -30.00 -3.84 -21.26
N LEU A 38 -31.05 -3.28 -21.86
CA LEU A 38 -32.18 -4.08 -22.36
C LEU A 38 -31.78 -4.97 -23.53
N VAL A 39 -30.95 -4.45 -24.43
CA VAL A 39 -30.42 -5.23 -25.56
C VAL A 39 -29.55 -6.40 -25.08
N ARG A 40 -28.73 -6.14 -24.06
CA ARG A 40 -27.89 -7.19 -23.47
C ARG A 40 -28.71 -8.29 -22.77
N ARG A 41 -29.84 -7.93 -22.17
CA ARG A 41 -30.77 -8.92 -21.60
C ARG A 41 -31.44 -9.78 -22.67
N GLN A 42 -31.76 -9.19 -23.82
CA GLN A 42 -32.27 -9.94 -24.96
C GLN A 42 -31.22 -10.92 -25.48
N LYS A 43 -29.98 -10.44 -25.62
CA LYS A 43 -28.85 -11.27 -26.04
C LYS A 43 -28.53 -12.40 -25.04
N LEU A 44 -28.72 -12.15 -23.75
CA LEU A 44 -28.59 -13.20 -22.73
C LEU A 44 -29.62 -14.31 -22.94
N GLN A 45 -30.88 -13.92 -23.13
CA GLN A 45 -31.96 -14.87 -23.38
C GLN A 45 -31.74 -15.66 -24.67
N GLU A 46 -31.21 -15.01 -25.70
CA GLU A 46 -30.86 -15.68 -26.96
C GLU A 46 -29.82 -16.78 -26.75
N LEU A 47 -28.84 -16.54 -25.89
CA LEU A 47 -27.83 -17.56 -25.55
C LEU A 47 -28.42 -18.76 -24.81
N TYR A 48 -29.36 -18.50 -23.89
CA TYR A 48 -30.13 -19.59 -23.25
C TYR A 48 -30.93 -20.40 -24.27
N ASP A 49 -31.54 -19.72 -25.24
CA ASP A 49 -32.30 -20.38 -26.31
C ASP A 49 -31.41 -21.23 -27.22
N LEU A 50 -30.19 -20.76 -27.50
CA LEU A 50 -29.21 -21.54 -28.27
C LEU A 50 -28.68 -22.80 -27.55
N GLY A 51 -28.88 -22.87 -26.23
CA GLY A 51 -28.60 -24.08 -25.46
C GLY A 51 -27.23 -24.12 -24.77
N ILE A 52 -26.61 -22.95 -24.56
CA ILE A 52 -25.35 -22.85 -23.81
C ILE A 52 -25.59 -22.28 -22.42
N ASP A 53 -24.57 -22.42 -21.57
CA ASP A 53 -24.51 -21.74 -20.28
C ASP A 53 -23.85 -20.38 -20.54
N PRO A 54 -24.63 -19.28 -20.49
CA PRO A 54 -24.07 -17.97 -20.81
C PRO A 54 -23.17 -17.37 -19.71
N PHE A 55 -23.02 -18.04 -18.58
CA PHE A 55 -22.06 -17.64 -17.53
C PHE A 55 -20.87 -18.61 -17.37
N GLY A 56 -20.82 -19.64 -18.22
CA GLY A 56 -19.60 -20.39 -18.48
C GLY A 56 -19.27 -21.50 -17.49
N SER A 57 -18.48 -22.45 -17.98
CA SER A 57 -17.88 -23.51 -17.19
C SER A 57 -16.37 -23.24 -17.15
N LYS A 58 -15.58 -24.18 -16.62
CA LYS A 58 -14.12 -24.02 -16.61
C LYS A 58 -13.55 -23.99 -18.02
N PHE A 59 -12.41 -23.32 -18.17
CA PHE A 59 -11.76 -23.16 -19.47
C PHE A 59 -10.25 -23.27 -19.33
N ASP A 60 -9.67 -24.30 -19.95
CA ASP A 60 -8.23 -24.51 -19.95
C ASP A 60 -7.56 -23.55 -20.93
N ARG A 61 -6.44 -22.97 -20.52
CA ARG A 61 -5.65 -22.05 -21.35
C ARG A 61 -4.22 -22.54 -21.46
N SER A 62 -3.61 -22.31 -22.63
CA SER A 62 -2.20 -22.64 -22.86
C SER A 62 -1.28 -21.53 -22.36
N GLY A 63 -1.78 -20.29 -22.33
CA GLY A 63 -1.00 -19.15 -21.86
C GLY A 63 -1.74 -17.83 -21.89
N LEU A 64 -1.04 -16.78 -21.48
CA LEU A 64 -1.53 -15.40 -21.58
C LEU A 64 -1.08 -14.80 -22.89
N SER A 65 -1.61 -13.61 -23.20
CA SER A 65 -1.27 -12.87 -24.41
C SER A 65 0.24 -12.58 -24.54
N SER A 66 0.89 -12.33 -23.41
CA SER A 66 2.35 -12.09 -23.38
C SER A 66 3.17 -13.33 -23.73
N ASP A 67 2.68 -14.52 -23.34
CA ASP A 67 3.32 -15.79 -23.69
C ASP A 67 3.25 -16.05 -25.19
N LEU A 68 2.09 -15.75 -25.79
CA LEU A 68 1.90 -15.83 -27.24
C LEU A 68 2.84 -14.89 -27.99
N LYS A 69 2.98 -13.66 -27.49
CA LYS A 69 3.87 -12.67 -28.10
C LYS A 69 5.36 -13.05 -27.98
N GLU A 70 5.76 -13.54 -26.80
CA GLU A 70 7.15 -13.98 -26.57
C GLU A 70 7.58 -15.14 -27.47
N GLU A 71 6.66 -16.09 -27.70
CA GLU A 71 6.96 -17.30 -28.47
C GLU A 71 6.83 -17.13 -30.00
N TRP A 72 5.90 -16.28 -30.45
CA TRP A 72 5.51 -16.25 -31.87
C TRP A 72 5.74 -14.94 -32.65
N ASP A 73 5.90 -13.81 -31.97
CA ASP A 73 6.00 -12.49 -32.64
C ASP A 73 7.30 -12.31 -33.44
N GLN A 74 8.33 -13.08 -33.12
CA GLN A 74 9.57 -13.14 -33.92
C GLN A 74 9.34 -13.53 -35.40
N TYR A 75 8.39 -14.43 -35.64
CA TYR A 75 8.16 -14.99 -36.97
C TYR A 75 7.27 -14.09 -37.84
N SER A 76 7.49 -14.15 -39.15
CA SER A 76 6.70 -13.39 -40.11
C SER A 76 5.39 -14.11 -40.43
N LYS A 77 4.52 -13.41 -41.16
CA LYS A 77 3.25 -13.96 -41.63
C LYS A 77 3.43 -15.30 -42.36
N GLU A 78 4.40 -15.34 -43.27
CA GLU A 78 4.64 -16.53 -44.12
C GLU A 78 5.22 -17.70 -43.33
N GLU A 79 6.11 -17.41 -42.38
CA GLU A 79 6.68 -18.43 -41.50
C GLU A 79 5.64 -19.08 -40.57
N LEU A 80 4.71 -18.28 -40.06
CA LEU A 80 3.65 -18.77 -39.17
C LEU A 80 2.67 -19.72 -39.86
N VAL A 81 2.43 -19.53 -41.17
CA VAL A 81 1.56 -20.44 -41.94
C VAL A 81 2.12 -21.87 -41.96
N GLU A 82 3.45 -21.99 -42.09
CA GLU A 82 4.12 -23.29 -42.09
C GLU A 82 4.11 -23.95 -40.70
N LYS A 83 4.08 -23.13 -39.64
CA LYS A 83 4.06 -23.61 -38.25
C LYS A 83 2.67 -23.73 -37.60
N GLU A 84 1.59 -23.71 -38.41
CA GLU A 84 0.22 -23.79 -37.87
C GLU A 84 -0.09 -25.09 -37.12
N ALA A 85 0.55 -26.18 -37.51
CA ALA A 85 0.42 -27.46 -36.80
C ALA A 85 1.01 -27.42 -35.38
N ASP A 86 2.04 -26.60 -35.17
CA ASP A 86 2.73 -26.47 -33.88
C ASP A 86 2.27 -25.29 -33.01
N SER A 87 1.41 -24.42 -33.55
CA SER A 87 1.04 -23.16 -32.86
C SER A 87 -0.40 -23.14 -32.31
N HIS A 88 -0.95 -24.29 -31.96
CA HIS A 88 -2.28 -24.34 -31.34
C HIS A 88 -2.22 -23.76 -29.93
N VAL A 89 -3.12 -22.80 -29.66
CA VAL A 89 -3.18 -22.11 -28.36
C VAL A 89 -4.62 -22.05 -27.87
N ALA A 90 -4.75 -21.72 -26.58
CA ALA A 90 -6.05 -21.50 -25.96
C ALA A 90 -5.94 -20.30 -25.02
N ILE A 91 -6.74 -19.26 -25.30
CA ILE A 91 -6.75 -18.03 -24.50
C ILE A 91 -8.16 -17.66 -24.08
N ALA A 92 -8.25 -16.78 -23.08
CA ALA A 92 -9.54 -16.25 -22.64
C ALA A 92 -9.37 -14.85 -22.05
N GLY A 93 -10.43 -14.06 -22.13
CA GLY A 93 -10.40 -12.69 -21.66
C GLY A 93 -11.60 -11.88 -22.11
N ARG A 94 -11.52 -10.57 -21.86
CA ARG A 94 -12.61 -9.65 -22.11
C ARG A 94 -12.55 -9.06 -23.53
N LEU A 95 -13.70 -9.05 -24.21
CA LEU A 95 -13.81 -8.46 -25.55
CA LEU A 95 -13.84 -8.47 -25.54
C LEU A 95 -13.77 -6.94 -25.45
N MET A 96 -12.68 -6.33 -25.93
CA MET A 96 -12.48 -4.87 -25.86
C MET A 96 -12.75 -4.12 -27.18
N THR A 97 -12.51 -4.77 -28.31
CA THR A 97 -12.90 -4.24 -29.62
C THR A 97 -13.57 -5.34 -30.45
N LYS A 98 -14.35 -4.93 -31.44
CA LYS A 98 -15.00 -5.87 -32.36
C LYS A 98 -15.31 -5.20 -33.71
N ARG A 99 -15.03 -5.91 -34.80
CA ARG A 99 -15.37 -5.44 -36.15
C ARG A 99 -15.72 -6.63 -37.06
N GLY A 100 -16.48 -6.32 -38.11
CA GLY A 100 -16.89 -7.31 -39.10
C GLY A 100 -18.33 -7.78 -38.87
N LYS A 101 -19.23 -7.36 -39.76
CA LYS A 101 -20.63 -7.79 -39.73
C LYS A 101 -20.92 -8.98 -40.67
N GLY A 102 -19.94 -9.34 -41.51
CA GLY A 102 -20.08 -10.46 -42.44
C GLY A 102 -19.67 -11.79 -41.83
N LYS A 103 -19.14 -12.68 -42.66
CA LYS A 103 -18.75 -14.04 -42.26
C LYS A 103 -17.32 -14.14 -41.71
N ALA A 104 -16.60 -13.02 -41.63
CA ALA A 104 -15.27 -12.98 -41.01
C ALA A 104 -15.18 -11.72 -40.14
N GLY A 105 -14.67 -11.88 -38.92
CA GLY A 105 -14.59 -10.78 -37.96
C GLY A 105 -13.33 -10.81 -37.11
N PHE A 106 -12.99 -9.64 -36.56
CA PHE A 106 -11.81 -9.47 -35.73
C PHE A 106 -12.21 -8.86 -34.39
N ALA A 107 -11.37 -9.10 -33.38
CA ALA A 107 -11.62 -8.59 -32.03
C ALA A 107 -10.35 -8.63 -31.19
N HIS A 108 -10.23 -7.72 -30.24
CA HIS A 108 -9.13 -7.73 -29.27
C HIS A 108 -9.63 -8.29 -27.93
N VAL A 109 -8.94 -9.33 -27.45
CA VAL A 109 -9.27 -10.02 -26.21
C VAL A 109 -8.23 -9.64 -25.16
N GLN A 110 -8.68 -9.12 -24.02
CA GLN A 110 -7.80 -8.64 -22.96
C GLN A 110 -7.76 -9.62 -21.78
N ASP A 111 -6.54 -10.04 -21.43
CA ASP A 111 -6.30 -10.87 -20.24
C ASP A 111 -5.37 -10.11 -19.28
N LEU A 112 -4.86 -10.79 -18.25
CA LEU A 112 -4.00 -10.16 -17.23
C LEU A 112 -2.78 -9.43 -17.82
N ALA A 113 -2.13 -10.06 -18.80
CA ALA A 113 -0.90 -9.54 -19.38
C ALA A 113 -1.12 -8.40 -20.39
N GLY A 114 -2.22 -8.45 -21.13
CA GLY A 114 -2.53 -7.43 -22.13
C GLY A 114 -3.56 -7.90 -23.15
N GLN A 115 -3.50 -7.35 -24.36
CA GLN A 115 -4.44 -7.68 -25.44
C GLN A 115 -3.79 -8.50 -26.55
N ILE A 116 -4.58 -9.37 -27.16
CA ILE A 116 -4.19 -10.10 -28.38
C ILE A 116 -5.40 -10.12 -29.32
N GLN A 117 -5.15 -9.95 -30.61
CA GLN A 117 -6.22 -9.95 -31.61
C GLN A 117 -6.67 -11.38 -31.91
N ILE A 118 -7.98 -11.57 -32.08
CA ILE A 118 -8.55 -12.84 -32.54
C ILE A 118 -9.24 -12.63 -33.89
N TYR A 119 -9.30 -13.71 -34.67
CA TYR A 119 -9.87 -13.69 -36.01
C TYR A 119 -10.86 -14.85 -36.12
N VAL A 120 -12.14 -14.53 -36.25
CA VAL A 120 -13.22 -15.51 -36.23
C VAL A 120 -13.91 -15.56 -37.58
N ARG A 121 -13.71 -16.68 -38.30
CA ARG A 121 -14.39 -16.94 -39.56
C ARG A 121 -15.49 -17.99 -39.37
N LYS A 122 -16.60 -17.82 -40.09
CA LYS A 122 -17.70 -18.79 -40.08
C LYS A 122 -17.26 -20.16 -40.62
N ASP A 123 -16.44 -20.15 -41.67
CA ASP A 123 -15.92 -21.40 -42.25
C ASP A 123 -14.82 -22.11 -41.43
N GLN A 124 -14.37 -21.49 -40.33
CA GLN A 124 -13.41 -22.11 -39.40
C GLN A 124 -14.08 -22.67 -38.14
N VAL A 125 -14.89 -21.86 -37.47
CA VAL A 125 -15.56 -22.25 -36.22
C VAL A 125 -16.90 -23.00 -36.41
N GLY A 126 -17.51 -22.89 -37.58
CA GLY A 126 -18.81 -23.52 -37.85
C GLY A 126 -19.98 -22.58 -37.56
N ASP A 127 -21.17 -22.99 -37.99
CA ASP A 127 -22.37 -22.14 -37.93
C ASP A 127 -22.86 -21.84 -36.50
N ASP A 128 -22.92 -22.87 -35.67
CA ASP A 128 -23.42 -22.72 -34.29
C ASP A 128 -22.54 -21.79 -33.44
N GLU A 129 -21.23 -21.96 -33.54
CA GLU A 129 -20.28 -21.10 -32.82
C GLU A 129 -20.20 -19.68 -33.39
N PHE A 130 -20.44 -19.52 -34.69
CA PHE A 130 -20.46 -18.19 -35.30
C PHE A 130 -21.68 -17.35 -34.86
N ASP A 131 -22.78 -18.03 -34.53
CA ASP A 131 -23.94 -17.36 -33.90
C ASP A 131 -23.59 -16.79 -32.53
N LEU A 132 -22.74 -17.50 -31.78
CA LEU A 132 -22.24 -17.02 -30.49
C LEU A 132 -21.32 -15.81 -30.68
N TRP A 133 -20.46 -15.87 -31.70
CA TRP A 133 -19.61 -14.74 -32.09
C TRP A 133 -20.44 -13.49 -32.44
N LYS A 134 -21.51 -13.67 -33.21
CA LYS A 134 -22.40 -12.56 -33.58
C LYS A 134 -23.13 -11.98 -32.36
N ASN A 135 -23.56 -12.86 -31.46
CA ASN A 135 -24.18 -12.47 -30.19
C ASN A 135 -23.22 -11.65 -29.31
N ALA A 136 -21.94 -12.01 -29.30
CA ALA A 136 -20.95 -11.39 -28.41
C ALA A 136 -20.84 -9.87 -28.60
N ASP A 137 -20.78 -9.16 -27.48
CA ASP A 137 -20.67 -7.70 -27.46
C ASP A 137 -19.47 -7.30 -26.61
N LEU A 138 -19.10 -6.03 -26.66
CA LEU A 138 -17.95 -5.52 -25.91
C LEU A 138 -18.19 -5.69 -24.40
N GLY A 139 -17.17 -6.20 -23.70
CA GLY A 139 -17.27 -6.49 -22.27
C GLY A 139 -17.50 -7.95 -21.92
N ASP A 140 -17.98 -8.74 -22.89
CA ASP A 140 -18.20 -10.17 -22.67
C ASP A 140 -16.87 -10.91 -22.51
N ILE A 141 -16.88 -11.97 -21.71
CA ILE A 141 -15.73 -12.84 -21.55
C ILE A 141 -15.85 -13.94 -22.58
N VAL A 142 -14.77 -14.18 -23.33
CA VAL A 142 -14.75 -15.19 -24.39
C VAL A 142 -13.54 -16.10 -24.25
N GLY A 143 -13.68 -17.34 -24.72
CA GLY A 143 -12.59 -18.30 -24.81
C GLY A 143 -12.35 -18.62 -26.28
N VAL A 144 -11.09 -18.67 -26.68
CA VAL A 144 -10.71 -18.94 -28.07
C VAL A 144 -9.62 -19.98 -28.12
N GLU A 145 -9.87 -21.05 -28.89
CA GLU A 145 -8.86 -22.05 -29.22
C GLU A 145 -8.56 -21.92 -30.70
N GLY A 146 -7.29 -21.82 -31.06
CA GLY A 146 -6.91 -21.62 -32.47
C GLY A 146 -5.42 -21.65 -32.74
N VAL A 147 -5.04 -21.18 -33.92
CA VAL A 147 -3.64 -21.17 -34.38
C VAL A 147 -3.14 -19.74 -34.59
N MET A 148 -1.83 -19.56 -34.51
CA MET A 148 -1.22 -18.24 -34.62
C MET A 148 -1.01 -17.82 -36.08
N PHE A 149 -1.20 -16.53 -36.33
CA PHE A 149 -0.91 -15.93 -37.63
C PHE A 149 -0.68 -14.42 -37.49
N LYS A 150 -0.31 -13.78 -38.59
CA LYS A 150 -0.16 -12.33 -38.64
C LYS A 150 -0.98 -11.76 -39.80
N THR A 151 -1.54 -10.58 -39.58
CA THR A 151 -2.30 -9.86 -40.62
C THR A 151 -1.33 -9.19 -41.59
N ASN A 152 -1.87 -8.53 -42.62
CA ASN A 152 -1.06 -7.74 -43.56
C ASN A 152 -0.30 -6.58 -42.92
N THR A 153 -0.85 -6.03 -41.83
CA THR A 153 -0.17 -4.99 -41.04
C THR A 153 0.89 -5.54 -40.04
N GLY A 154 1.02 -6.86 -39.95
CA GLY A 154 2.02 -7.51 -39.10
C GLY A 154 1.57 -7.80 -37.66
N GLU A 155 0.27 -7.62 -37.37
CA GLU A 155 -0.25 -7.81 -36.01
C GLU A 155 -0.43 -9.30 -35.71
N LEU A 156 0.27 -9.78 -34.68
CA LEU A 156 0.13 -11.17 -34.22
C LEU A 156 -1.28 -11.41 -33.70
N SER A 157 -1.90 -12.49 -34.18
CA SER A 157 -3.31 -12.76 -33.94
C SER A 157 -3.56 -14.26 -33.80
N VAL A 158 -4.75 -14.62 -33.31
CA VAL A 158 -5.18 -16.01 -33.21
C VAL A 158 -6.32 -16.26 -34.19
N LYS A 159 -6.12 -17.17 -35.14
CA LYS A 159 -7.20 -17.62 -36.02
C LYS A 159 -8.00 -18.68 -35.28
N ALA A 160 -9.22 -18.32 -34.90
CA ALA A 160 -10.05 -19.19 -34.06
C ALA A 160 -10.51 -20.45 -34.81
N LYS A 161 -10.24 -21.61 -34.21
CA LYS A 161 -10.83 -22.88 -34.62
C LYS A 161 -12.06 -23.22 -33.76
N LYS A 162 -12.11 -22.69 -32.54
CA LYS A 162 -13.24 -22.87 -31.64
C LYS A 162 -13.47 -21.60 -30.82
N PHE A 163 -14.71 -21.11 -30.83
CA PHE A 163 -15.10 -19.91 -30.10
C PHE A 163 -16.10 -20.28 -29.00
N THR A 164 -15.88 -19.75 -27.80
CA THR A 164 -16.74 -19.99 -26.64
C THR A 164 -17.09 -18.67 -25.98
N LEU A 165 -18.38 -18.44 -25.74
CA LEU A 165 -18.84 -17.28 -24.98
C LEU A 165 -18.92 -17.68 -23.50
N LEU A 166 -17.98 -17.17 -22.71
CA LEU A 166 -17.81 -17.62 -21.32
C LEU A 166 -18.67 -16.82 -20.33
N THR A 167 -18.85 -15.53 -20.56
CA THR A 167 -19.76 -14.72 -19.74
C THR A 167 -20.37 -13.56 -20.52
N LYS A 168 -21.69 -13.48 -20.52
CA LYS A 168 -22.42 -12.34 -21.06
C LYS A 168 -22.39 -11.21 -20.04
N SER A 169 -21.81 -10.08 -20.41
CA SER A 169 -21.82 -8.88 -19.57
C SER A 169 -23.12 -8.13 -19.80
N LEU A 170 -23.84 -7.87 -18.71
CA LEU A 170 -25.14 -7.17 -18.77
C LEU A 170 -25.03 -5.64 -18.71
N ARG A 171 -23.82 -5.12 -18.55
CA ARG A 171 -23.59 -3.68 -18.44
C ARG A 171 -22.30 -3.33 -19.18
N PRO A 172 -22.35 -2.33 -20.10
CA PRO A 172 -21.16 -1.96 -20.87
C PRO A 172 -20.15 -1.18 -20.04
N LEU A 173 -18.88 -1.20 -20.45
CA LEU A 173 -17.84 -0.43 -19.78
C LEU A 173 -18.02 1.06 -20.09
N PRO A 174 -17.58 1.95 -19.17
CA PRO A 174 -17.61 3.38 -19.46
C PRO A 174 -16.48 3.78 -20.42
N ASP A 175 -16.78 4.70 -21.34
CA ASP A 175 -15.78 5.20 -22.31
C ASP A 175 -15.18 6.54 -21.87
N LYS A 176 -14.11 6.94 -22.56
CA LYS A 176 -13.31 8.15 -22.26
C LYS A 176 -13.08 8.42 -20.76
N ASP A 182 -16.37 11.53 -14.21
CA ASP A 182 -16.25 11.33 -12.77
C ASP A 182 -14.82 10.91 -12.42
N ILE A 183 -14.09 11.81 -11.75
CA ILE A 183 -12.71 11.55 -11.31
C ILE A 183 -12.60 10.52 -10.18
N GLU A 184 -13.65 10.40 -9.36
CA GLU A 184 -13.68 9.45 -8.23
C GLU A 184 -14.11 8.02 -8.59
N GLN A 185 -14.51 7.77 -9.84
CA GLN A 185 -14.98 6.45 -10.26
C GLN A 185 -13.89 5.38 -10.19
N ARG A 186 -12.65 5.75 -10.51
CA ARG A 186 -11.50 4.84 -10.38
C ARG A 186 -11.23 4.33 -8.96
N TYR A 187 -11.63 5.11 -7.95
CA TYR A 187 -11.53 4.70 -6.54
C TYR A 187 -12.77 3.94 -6.06
N ARG A 188 -13.96 4.40 -6.44
CA ARG A 188 -15.23 3.75 -6.05
C ARG A 188 -15.47 2.44 -6.79
N GLN A 189 -15.06 2.38 -8.05
CA GLN A 189 -15.17 1.18 -8.88
C GLN A 189 -13.80 0.82 -9.44
N ARG A 190 -12.95 0.27 -8.57
CA ARG A 190 -11.57 -0.08 -8.94
C ARG A 190 -11.48 -1.11 -10.05
N TYR A 191 -12.40 -2.07 -10.05
CA TYR A 191 -12.51 -3.06 -11.12
C TYR A 191 -12.59 -2.47 -12.55
N LEU A 192 -13.26 -1.32 -12.69
CA LEU A 192 -13.30 -0.62 -13.98
C LEU A 192 -11.96 0.03 -14.32
N ASP A 193 -11.27 0.56 -13.31
CA ASP A 193 -9.94 1.14 -13.48
C ASP A 193 -8.90 0.09 -13.91
N LEU A 194 -8.95 -1.09 -13.29
CA LEU A 194 -8.01 -2.18 -13.61
C LEU A 194 -8.16 -2.70 -15.05
N ILE A 195 -9.37 -2.67 -15.59
CA ILE A 195 -9.63 -3.03 -16.98
C ILE A 195 -9.11 -1.97 -17.95
N THR A 196 -9.34 -0.69 -17.64
CA THR A 196 -9.07 0.43 -18.56
C THR A 196 -7.69 1.09 -18.44
N ASN A 197 -7.02 0.96 -17.28
CA ASN A 197 -5.76 1.66 -17.00
C ASN A 197 -4.67 0.67 -16.59
N GLU A 198 -3.74 0.39 -17.52
CA GLU A 198 -2.64 -0.56 -17.27
C GLU A 198 -1.62 -0.12 -16.22
N ASP A 199 -1.41 1.20 -16.10
CA ASP A 199 -0.51 1.76 -15.08
C ASP A 199 -0.99 1.49 -13.65
N SER A 200 -2.30 1.41 -13.46
CA SER A 200 -2.89 1.10 -12.15
C SER A 200 -2.57 -0.34 -11.73
N THR A 201 -2.72 -1.28 -12.65
CA THR A 201 -2.40 -2.69 -12.40
C THR A 201 -0.94 -2.92 -12.01
N ARG A 202 -0.03 -2.19 -12.64
CA ARG A 202 1.41 -2.28 -12.34
C ARG A 202 1.72 -1.83 -10.91
N THR A 203 1.04 -0.78 -10.45
CA THR A 203 1.22 -0.26 -9.08
C THR A 203 0.92 -1.32 -8.02
N PHE A 204 -0.17 -2.07 -8.22
CA PHE A 204 -0.60 -3.09 -7.26
C PHE A 204 0.24 -4.36 -7.31
N ILE A 205 0.74 -4.70 -8.50
CA ILE A 205 1.70 -5.81 -8.64
C ILE A 205 3.01 -5.45 -7.94
N ASN A 206 3.50 -4.23 -8.14
CA ASN A 206 4.71 -3.76 -7.45
C ASN A 206 4.52 -3.61 -5.94
N ARG A 207 3.31 -3.24 -5.49
CA ARG A 207 3.00 -3.24 -4.06
C ARG A 207 3.22 -4.62 -3.44
N SER A 208 2.74 -5.66 -4.12
CA SER A 208 2.89 -7.04 -3.65
CA SER A 208 2.89 -7.04 -3.65
C SER A 208 4.36 -7.46 -3.59
N LYS A 209 5.13 -7.08 -4.61
CA LYS A 209 6.57 -7.38 -4.67
C LYS A 209 7.36 -6.66 -3.58
N ILE A 210 7.03 -5.39 -3.34
CA ILE A 210 7.65 -4.60 -2.27
C ILE A 210 7.46 -5.26 -0.90
N ILE A 211 6.22 -5.67 -0.60
CA ILE A 211 5.90 -6.29 0.67
C ILE A 211 6.56 -7.67 0.80
N GLN A 212 6.52 -8.47 -0.26
CA GLN A 212 7.15 -9.79 -0.24
C GLN A 212 8.67 -9.71 -0.14
N GLU A 213 9.27 -8.69 -0.76
CA GLU A 213 10.70 -8.47 -0.65
C GLU A 213 11.13 -8.02 0.76
N MET A 214 10.24 -7.30 1.44
CA MET A 214 10.44 -6.96 2.86
C MET A 214 10.45 -8.21 3.74
N ARG A 215 9.50 -9.13 3.51
CA ARG A 215 9.47 -10.42 4.22
C ARG A 215 10.74 -11.22 4.00
N ASN A 216 11.15 -11.35 2.74
CA ASN A 216 12.35 -12.11 2.37
C ASN A 216 13.60 -11.55 3.03
N TYR A 217 13.73 -10.23 3.02
CA TYR A 217 14.86 -9.54 3.64
C TYR A 217 14.93 -9.81 5.15
N LEU A 218 13.81 -9.65 5.82
CA LEU A 218 13.73 -9.83 7.28
C LEU A 218 13.83 -11.31 7.71
N ASN A 219 13.18 -12.21 6.95
CA ASN A 219 13.28 -13.65 7.22
C ASN A 219 14.71 -14.17 7.08
N ASN A 220 15.46 -13.64 6.11
CA ASN A 220 16.86 -14.02 5.91
CA ASN A 220 16.87 -14.01 5.89
C ASN A 220 17.77 -13.53 7.04
N LYS A 221 17.38 -12.44 7.70
CA LYS A 221 18.11 -11.92 8.87
C LYS A 221 17.66 -12.53 10.23
N GLY A 222 16.78 -13.52 10.19
CA GLY A 222 16.38 -14.27 11.38
C GLY A 222 15.16 -13.73 12.13
N PHE A 223 14.42 -12.80 11.52
CA PHE A 223 13.20 -12.26 12.15
C PHE A 223 12.02 -13.22 11.94
N LEU A 224 11.20 -13.35 12.98
CA LEU A 224 10.03 -14.22 12.98
C LEU A 224 8.78 -13.40 12.71
N GLU A 225 8.02 -13.75 11.67
CA GLU A 225 6.73 -13.11 11.43
C GLU A 225 5.68 -13.66 12.38
N VAL A 226 4.96 -12.77 13.04
CA VAL A 226 3.93 -13.14 14.02
C VAL A 226 2.63 -12.40 13.75
N GLU A 227 1.56 -12.87 14.38
CA GLU A 227 0.26 -12.21 14.37
C GLU A 227 -0.17 -11.94 15.81
N THR A 228 -0.58 -10.70 16.07
CA THR A 228 -1.04 -10.28 17.39
C THR A 228 -2.46 -9.71 17.24
N PRO A 229 -3.19 -9.52 18.35
CA PRO A 229 -4.59 -9.10 18.24
C PRO A 229 -4.80 -7.73 17.60
N MET A 230 -5.83 -7.64 16.76
CA MET A 230 -6.33 -6.36 16.26
C MET A 230 -7.43 -5.76 17.13
N MET A 231 -8.04 -6.58 18.00
CA MET A 231 -9.06 -6.12 18.95
C MET A 231 -8.43 -6.09 20.34
N HIS A 232 -8.25 -4.87 20.87
CA HIS A 232 -7.56 -4.64 22.14
C HIS A 232 -8.55 -4.23 23.23
N GLN A 233 -8.24 -4.61 24.47
CA GLN A 233 -9.00 -4.15 25.64
C GLN A 233 -8.69 -2.67 25.91
N ILE A 234 -7.41 -2.32 25.75
CA ILE A 234 -6.93 -0.94 25.80
C ILE A 234 -6.07 -0.71 24.56
N ALA A 235 -6.46 0.27 23.73
CA ALA A 235 -5.72 0.58 22.51
C ALA A 235 -4.57 1.54 22.79
N GLY A 236 -3.34 1.02 22.74
CA GLY A 236 -2.13 1.81 22.94
C GLY A 236 -1.12 1.65 21.81
N GLY A 237 0.05 2.24 22.01
CA GLY A 237 1.17 2.15 21.07
C GLY A 237 1.34 3.33 20.13
N ALA A 238 0.42 4.30 20.18
CA ALA A 238 0.49 5.50 19.35
C ALA A 238 -0.40 6.62 19.89
N ALA A 239 -0.20 7.83 19.38
CA ALA A 239 -1.04 8.98 19.70
C ALA A 239 -2.14 9.11 18.66
N ALA A 240 -3.26 8.42 18.89
CA ALA A 240 -4.38 8.43 17.95
C ALA A 240 -5.70 7.98 18.58
N ARG A 241 -6.81 8.45 18.02
CA ARG A 241 -8.15 8.10 18.47
C ARG A 241 -8.53 6.73 17.89
N PRO A 242 -9.03 5.80 18.74
CA PRO A 242 -9.38 4.46 18.25
C PRO A 242 -10.81 4.33 17.72
N PHE A 243 -11.05 3.27 16.97
CA PHE A 243 -12.40 2.83 16.62
C PHE A 243 -12.90 1.92 17.74
N VAL A 244 -14.10 2.20 18.25
CA VAL A 244 -14.70 1.44 19.35
C VAL A 244 -15.74 0.48 18.80
N THR A 245 -15.81 -0.71 19.39
CA THR A 245 -16.83 -1.70 19.03
C THR A 245 -17.25 -2.50 20.26
N HIS A 246 -18.25 -3.37 20.09
CA HIS A 246 -18.90 -4.06 21.20
C HIS A 246 -19.06 -5.55 20.89
N HIS A 247 -18.64 -6.39 21.84
CA HIS A 247 -18.88 -7.83 21.76
C HIS A 247 -20.21 -8.13 22.45
N ASN A 248 -21.15 -8.73 21.69
CA ASN A 248 -22.54 -8.86 22.13
C ASN A 248 -22.73 -9.91 23.21
N ALA A 249 -22.21 -11.12 22.96
CA ALA A 249 -22.37 -12.25 23.89
C ALA A 249 -21.66 -12.05 25.24
N LEU A 250 -20.60 -11.23 25.25
CA LEU A 250 -19.82 -10.93 26.47
C LEU A 250 -20.15 -9.58 27.11
N ASP A 251 -20.85 -8.71 26.38
CA ASP A 251 -21.16 -7.34 26.83
C ASP A 251 -19.88 -6.58 27.21
N ALA A 252 -18.89 -6.65 26.31
CA ALA A 252 -17.56 -6.07 26.54
C ALA A 252 -17.23 -5.07 25.44
N THR A 253 -16.56 -3.98 25.83
CA THR A 253 -16.10 -2.96 24.90
C THR A 253 -14.71 -3.33 24.38
N LEU A 254 -14.54 -3.28 23.06
CA LEU A 254 -13.25 -3.54 22.42
C LEU A 254 -12.86 -2.40 21.49
N TYR A 255 -11.55 -2.15 21.43
CA TYR A 255 -10.98 -1.10 20.58
C TYR A 255 -10.17 -1.77 19.47
N MET A 256 -10.35 -1.31 18.24
CA MET A 256 -9.50 -1.74 17.12
C MET A 256 -8.12 -1.12 17.34
N ARG A 257 -7.07 -1.88 17.05
CA ARG A 257 -5.71 -1.46 17.38
C ARG A 257 -5.29 -0.21 16.59
N ILE A 258 -4.66 0.72 17.30
CA ILE A 258 -4.04 1.91 16.69
C ILE A 258 -2.56 1.66 16.35
N ALA A 259 -2.00 0.58 16.91
CA ALA A 259 -0.60 0.19 16.67
C ALA A 259 -0.38 -1.27 17.07
N ILE A 260 0.77 -1.80 16.68
CA ILE A 260 1.14 -3.20 16.93
C ILE A 260 2.17 -3.30 18.10
N GLU A 261 2.57 -2.14 18.63
CA GLU A 261 3.75 -2.03 19.51
C GLU A 261 3.73 -2.87 20.80
N LEU A 262 2.67 -2.74 21.59
CA LEU A 262 2.66 -3.26 22.96
C LEU A 262 2.64 -4.79 23.04
N HIS A 263 1.93 -5.43 22.11
CA HIS A 263 1.92 -6.90 22.03
C HIS A 263 3.25 -7.47 21.54
N LEU A 264 3.91 -6.78 20.59
CA LEU A 264 5.21 -7.23 20.10
C LEU A 264 6.31 -7.14 21.15
N LYS A 265 6.29 -6.09 21.97
CA LYS A 265 7.26 -5.98 23.07
C LYS A 265 7.04 -7.03 24.18
N ARG A 266 5.80 -7.51 24.34
CA ARG A 266 5.54 -8.68 25.21
C ARG A 266 6.25 -9.93 24.70
N LEU A 267 6.33 -10.11 23.38
CA LEU A 267 7.06 -11.23 22.78
C LEU A 267 8.58 -11.11 22.99
N ILE A 268 9.10 -9.88 23.08
CA ILE A 268 10.51 -9.65 23.40
C ILE A 268 10.78 -10.00 24.87
N VAL A 269 9.85 -9.68 25.77
CA VAL A 269 9.91 -10.17 27.16
C VAL A 269 9.91 -11.70 27.18
N GLY A 270 9.08 -12.31 26.33
CA GLY A 270 9.00 -13.75 26.19
C GLY A 270 10.20 -14.46 25.55
N GLY A 271 11.17 -13.70 25.06
CA GLY A 271 12.46 -14.24 24.61
C GLY A 271 12.58 -14.55 23.13
N LEU A 272 11.67 -14.02 22.30
CA LEU A 272 11.69 -14.31 20.86
C LEU A 272 12.76 -13.51 20.10
N GLU A 273 13.28 -12.43 20.69
CA GLU A 273 14.47 -11.69 20.20
C GLU A 273 14.28 -10.87 18.93
N LYS A 274 13.81 -11.50 17.86
CA LYS A 274 13.60 -10.86 16.57
C LYS A 274 12.20 -11.20 16.06
N VAL A 275 11.30 -10.22 16.11
CA VAL A 275 9.92 -10.39 15.65
C VAL A 275 9.48 -9.22 14.79
N TYR A 276 8.59 -9.49 13.84
CA TYR A 276 7.89 -8.44 13.10
C TYR A 276 6.48 -8.86 12.73
N GLU A 277 5.71 -7.88 12.31
CA GLU A 277 4.31 -8.10 11.90
C GLU A 277 3.94 -7.07 10.85
N ILE A 278 3.44 -7.55 9.72
CA ILE A 278 2.92 -6.70 8.66
C ILE A 278 1.41 -6.86 8.68
N GLY A 279 0.70 -5.80 9.06
CA GLY A 279 -0.75 -5.87 9.17
C GLY A 279 -1.45 -4.53 9.31
N ARG A 280 -2.77 -4.60 9.38
CA ARG A 280 -3.62 -3.42 9.38
C ARG A 280 -3.67 -2.77 10.77
N VAL A 281 -3.62 -1.44 10.80
CA VAL A 281 -3.95 -0.65 11.99
C VAL A 281 -5.08 0.31 11.62
N PHE A 282 -5.80 0.77 12.65
CA PHE A 282 -7.04 1.52 12.46
C PHE A 282 -6.99 2.77 13.31
N ARG A 283 -7.19 3.93 12.69
CA ARG A 283 -7.12 5.23 13.38
C ARG A 283 -8.31 6.10 13.00
N ASN A 284 -9.09 6.48 14.00
CA ASN A 284 -10.35 7.22 13.83
C ASN A 284 -10.06 8.73 13.87
N GLU A 285 -9.32 9.20 12.87
CA GLU A 285 -8.88 10.59 12.78
CA GLU A 285 -8.86 10.59 12.78
C GLU A 285 -9.71 11.37 11.78
N GLY A 286 -9.44 12.68 11.66
CA GLY A 286 -10.18 13.57 10.75
C GLY A 286 -10.12 13.22 9.28
N VAL A 287 -11.01 13.84 8.51
CA VAL A 287 -11.20 13.53 7.08
C VAL A 287 -10.10 14.20 6.26
N SER A 288 -9.56 13.45 5.28
CA SER A 288 -8.54 13.95 4.37
C SER A 288 -8.37 13.03 3.17
N THR A 289 -7.92 13.59 2.05
CA THR A 289 -7.50 12.79 0.89
C THR A 289 -6.15 12.12 1.17
N ARG A 290 -5.32 12.74 2.01
CA ARG A 290 -4.04 12.19 2.44
C ARG A 290 -4.15 11.01 3.43
N HIS A 291 -5.30 10.86 4.09
CA HIS A 291 -5.50 9.83 5.12
C HIS A 291 -6.57 8.79 4.75
N ASN A 292 -6.42 7.59 5.31
CA ASN A 292 -7.39 6.49 5.19
C ASN A 292 -7.62 5.92 6.60
N PRO A 293 -8.88 5.55 6.94
CA PRO A 293 -9.16 5.06 8.31
C PRO A 293 -8.41 3.78 8.69
N GLU A 294 -8.12 2.94 7.69
CA GLU A 294 -7.34 1.72 7.88
C GLU A 294 -6.13 1.75 6.96
N PHE A 295 -4.98 1.30 7.47
CA PHE A 295 -3.75 1.26 6.67
C PHE A 295 -2.79 0.21 7.19
N THR A 296 -1.82 -0.15 6.34
CA THR A 296 -0.90 -1.25 6.62
C THR A 296 0.41 -0.75 7.21
N MET A 297 0.83 -1.37 8.30
CA MET A 297 2.06 -1.06 9.02
C MET A 297 2.93 -2.31 9.09
N ILE A 298 4.24 -2.11 9.08
CA ILE A 298 5.17 -3.12 9.61
C ILE A 298 5.72 -2.57 10.90
N GLU A 299 5.66 -3.37 11.98
CA GLU A 299 6.39 -3.09 13.20
C GLU A 299 7.38 -4.23 13.45
N LEU A 300 8.56 -3.88 13.95
CA LEU A 300 9.68 -4.80 14.07
C LEU A 300 10.45 -4.49 15.34
N TYR A 301 10.87 -5.53 16.07
CA TYR A 301 11.59 -5.38 17.33
C TYR A 301 12.79 -6.32 17.41
N GLU A 302 13.95 -5.77 17.73
CA GLU A 302 15.20 -6.52 17.82
C GLU A 302 15.81 -6.31 19.20
N ALA A 303 15.87 -7.39 19.98
CA ALA A 303 16.54 -7.38 21.28
C ALA A 303 18.04 -7.14 21.11
N TYR A 304 18.62 -6.46 22.09
CA TYR A 304 20.06 -6.14 22.16
C TYR A 304 20.56 -5.14 21.10
N ALA A 305 19.61 -4.43 20.47
CA ALA A 305 19.90 -3.38 19.49
C ALA A 305 19.44 -2.04 20.07
N ASP A 306 19.92 -0.96 19.47
CA ASP A 306 19.48 0.40 19.80
C ASP A 306 19.03 1.12 18.54
N TYR A 307 18.57 2.37 18.67
CA TYR A 307 18.05 3.12 17.51
C TYR A 307 19.05 3.38 16.37
N HIS A 308 20.35 3.38 16.66
CA HIS A 308 21.38 3.47 15.61
C HIS A 308 21.42 2.19 14.75
N ASP A 309 21.24 1.03 15.38
CA ASP A 309 21.13 -0.24 14.64
C ASP A 309 19.87 -0.27 13.77
N ILE A 310 18.79 0.34 14.28
CA ILE A 310 17.52 0.42 13.56
C ILE A 310 17.62 1.39 12.35
N MET A 311 18.37 2.48 12.50
CA MET A 311 18.70 3.37 11.37
C MET A 311 19.39 2.60 10.25
N ASP A 312 20.43 1.85 10.62
CA ASP A 312 21.19 1.02 9.67
C ASP A 312 20.30 -0.01 8.97
N LEU A 313 19.44 -0.67 9.73
CA LEU A 313 18.51 -1.66 9.20
C LEU A 313 17.49 -1.04 8.23
N THR A 314 16.89 0.07 8.65
CA THR A 314 15.88 0.77 7.85
C THR A 314 16.46 1.26 6.51
N GLU A 315 17.64 1.87 6.58
CA GLU A 315 18.34 2.38 5.40
C GLU A 315 18.73 1.24 4.44
N SER A 316 19.30 0.17 4.99
CA SER A 316 19.72 -1.00 4.21
CA SER A 316 19.72 -0.99 4.20
C SER A 316 18.53 -1.70 3.56
N MET A 317 17.46 -1.90 4.33
CA MET A 317 16.27 -2.61 3.85
C MET A 317 15.55 -1.88 2.71
N VAL A 318 15.33 -0.58 2.89
CA VAL A 318 14.61 0.23 1.88
C VAL A 318 15.42 0.32 0.59
N ARG A 319 16.72 0.56 0.72
CA ARG A 319 17.65 0.56 -0.42
C ARG A 319 17.61 -0.77 -1.18
N HIS A 320 17.63 -1.87 -0.43
CA HIS A 320 17.57 -3.22 -1.00
C HIS A 320 16.28 -3.48 -1.76
N ILE A 321 15.14 -3.11 -1.15
CA ILE A 321 13.82 -3.29 -1.76
C ILE A 321 13.71 -2.49 -3.07
N ALA A 322 14.21 -1.26 -3.07
CA ALA A 322 14.21 -0.42 -4.27
C ALA A 322 15.04 -1.04 -5.41
N ASN A 323 16.25 -1.51 -5.08
CA ASN A 323 17.11 -2.18 -6.07
C ASN A 323 16.49 -3.45 -6.64
N GLU A 324 15.85 -4.26 -5.80
CA GLU A 324 15.26 -5.53 -6.23
C GLU A 324 14.00 -5.37 -7.07
N VAL A 325 13.13 -4.42 -6.70
CA VAL A 325 11.84 -4.23 -7.36
C VAL A 325 11.95 -3.34 -8.60
N LEU A 326 12.70 -2.23 -8.48
CA LEU A 326 12.80 -1.24 -9.56
C LEU A 326 14.07 -1.32 -10.41
N GLY A 327 15.11 -1.99 -9.90
CA GLY A 327 16.42 -2.04 -10.57
C GLY A 327 17.38 -0.93 -10.18
N SER A 328 16.94 -0.01 -9.31
CA SER A 328 17.75 1.12 -8.88
C SER A 328 17.16 1.74 -7.61
N ALA A 329 18.04 2.22 -6.72
CA ALA A 329 17.62 2.94 -5.52
C ALA A 329 17.51 4.46 -5.75
N LYS A 330 17.86 4.93 -6.95
CA LYS A 330 17.52 6.29 -7.37
C LYS A 330 16.14 6.22 -8.04
N VAL A 331 15.13 6.74 -7.35
CA VAL A 331 13.73 6.64 -7.81
C VAL A 331 13.17 8.02 -8.16
N GLN A 332 12.31 8.06 -9.18
CA GLN A 332 11.63 9.28 -9.58
C GLN A 332 10.36 9.45 -8.77
N TYR A 333 10.19 10.62 -8.16
CA TYR A 333 8.94 10.97 -7.49
C TYR A 333 8.53 12.38 -7.85
N ASN A 334 7.45 12.49 -8.63
CA ASN A 334 6.93 13.78 -9.13
C ASN A 334 8.01 14.54 -9.91
N GLY A 335 8.62 13.87 -10.88
CA GLY A 335 9.66 14.46 -11.73
C GLY A 335 10.95 14.86 -11.05
N GLU A 336 11.23 14.25 -9.89
CA GLU A 336 12.41 14.59 -9.09
C GLU A 336 13.10 13.31 -8.62
N THR A 337 14.43 13.28 -8.73
CA THR A 337 15.20 12.10 -8.34
C THR A 337 15.41 12.06 -6.83
N ILE A 338 14.84 11.05 -6.19
CA ILE A 338 15.03 10.79 -4.77
C ILE A 338 16.15 9.75 -4.65
N ASP A 339 17.27 10.15 -4.06
CA ASP A 339 18.47 9.33 -4.00
C ASP A 339 18.51 8.50 -2.71
N LEU A 340 18.03 7.25 -2.81
CA LEU A 340 18.13 6.28 -1.70
C LEU A 340 19.40 5.44 -1.75
N GLU A 341 20.18 5.52 -2.85
CA GLU A 341 21.41 4.73 -3.01
C GLU A 341 22.55 5.29 -2.14
N SER A 342 22.75 6.61 -2.20
CA SER A 342 23.78 7.27 -1.40
CA SER A 342 23.77 7.29 -1.39
C SER A 342 23.36 7.31 0.08
N ALA A 343 24.33 7.58 0.95
CA ALA A 343 24.10 7.60 2.39
C ALA A 343 23.00 8.59 2.77
N TRP A 344 22.07 8.14 3.61
CA TRP A 344 20.94 8.96 4.06
C TRP A 344 21.42 9.96 5.10
N THR A 345 20.83 11.15 5.12
CA THR A 345 21.21 12.21 6.05
C THR A 345 20.70 11.90 7.45
N ARG A 346 21.52 12.23 8.46
CA ARG A 346 21.15 12.09 9.86
C ARG A 346 21.30 13.45 10.51
N LEU A 347 20.20 13.95 11.06
CA LEU A 347 20.10 15.33 11.54
C LEU A 347 19.28 15.38 12.82
N HIS A 348 19.82 16.03 13.84
CA HIS A 348 19.09 16.22 15.10
C HIS A 348 17.95 17.22 14.88
N ILE A 349 16.79 16.95 15.47
CA ILE A 349 15.60 17.81 15.34
C ILE A 349 15.86 19.27 15.77
N VAL A 350 16.67 19.45 16.81
CA VAL A 350 17.09 20.77 17.30
C VAL A 350 17.94 21.49 16.25
N ASP A 351 18.88 20.77 15.64
CA ASP A 351 19.74 21.34 14.58
C ASP A 351 18.96 21.65 13.30
N ALA A 352 17.95 20.84 13.01
CA ALA A 352 17.07 21.07 11.85
C ALA A 352 16.23 22.34 12.02
N VAL A 353 15.70 22.54 13.22
CA VAL A 353 14.91 23.74 13.57
C VAL A 353 15.81 24.99 13.57
N LYS A 354 17.03 24.87 14.09
CA LYS A 354 18.01 25.96 14.09
C LYS A 354 18.41 26.39 12.68
N GLU A 355 18.63 25.41 11.80
CA GLU A 355 18.94 25.66 10.39
C GLU A 355 17.83 26.44 9.68
N ALA A 356 16.57 26.08 9.96
CA ALA A 356 15.41 26.66 9.28
C ALA A 356 14.98 28.03 9.82
N THR A 357 15.02 28.19 11.15
CA THR A 357 14.48 29.39 11.82
C THR A 357 15.51 30.27 12.54
N GLY A 358 16.70 29.74 12.82
CA GLY A 358 17.70 30.42 13.66
C GLY A 358 17.54 30.21 15.16
N VAL A 359 16.48 29.53 15.60
CA VAL A 359 16.22 29.29 17.03
C VAL A 359 16.92 28.01 17.45
N ASP A 360 17.85 28.13 18.40
CA ASP A 360 18.57 27.00 18.98
C ASP A 360 17.85 26.56 20.27
N PHE A 361 17.12 25.46 20.19
CA PHE A 361 16.32 24.97 21.34
C PHE A 361 17.16 24.38 22.49
N TYR A 362 18.43 24.05 22.24
CA TYR A 362 19.35 23.68 23.33
C TYR A 362 19.48 24.80 24.37
N GLU A 363 19.53 26.04 23.91
CA GLU A 363 19.68 27.22 24.78
C GLU A 363 18.36 27.82 25.31
N VAL A 364 17.22 27.29 24.87
CA VAL A 364 15.91 27.69 25.40
C VAL A 364 15.72 26.98 26.74
N LYS A 365 15.52 27.78 27.80
CA LYS A 365 15.60 27.29 29.19
C LYS A 365 14.26 27.07 29.90
N SER A 366 13.15 27.52 29.32
CA SER A 366 11.83 27.37 29.95
C SER A 366 10.69 27.28 28.94
N ASP A 367 9.50 26.95 29.45
CA ASP A 367 8.28 26.88 28.64
C ASP A 367 7.84 28.27 28.16
N GLU A 368 8.00 29.27 29.03
CA GLU A 368 7.64 30.65 28.70
C GLU A 368 8.50 31.25 27.58
N GLU A 369 9.80 30.94 27.60
CA GLU A 369 10.72 31.35 26.53
C GLU A 369 10.36 30.68 25.20
N ALA A 370 9.94 29.42 25.26
CA ALA A 370 9.51 28.67 24.08
C ALA A 370 8.20 29.23 23.51
N LYS A 371 7.26 29.56 24.38
CA LYS A 371 6.00 30.20 23.98
C LYS A 371 6.22 31.59 23.36
N ALA A 372 7.18 32.34 23.89
CA ALA A 372 7.54 33.66 23.36
C ALA A 372 8.14 33.55 21.95
N LEU A 373 9.09 32.63 21.80
CA LEU A 373 9.71 32.35 20.49
C LEU A 373 8.70 31.83 19.47
N ALA A 374 7.73 31.03 19.93
CA ALA A 374 6.64 30.54 19.08
C ALA A 374 5.77 31.68 18.53
N LYS A 375 5.50 32.67 19.37
CA LYS A 375 4.76 33.87 18.96
C LYS A 375 5.55 34.71 17.95
N GLU A 376 6.84 34.88 18.21
CA GLU A 376 7.74 35.67 17.34
C GLU A 376 7.86 35.08 15.93
N HIS A 377 8.00 33.75 15.83
CA HIS A 377 8.17 33.06 14.54
C HIS A 377 6.87 32.54 13.90
N GLY A 378 5.72 32.85 14.51
CA GLY A 378 4.42 32.51 13.94
C GLY A 378 4.09 31.02 13.98
N ILE A 379 4.42 30.38 15.10
CA ILE A 379 4.15 28.96 15.29
C ILE A 379 2.85 28.79 16.08
N GLU A 380 1.83 28.25 15.43
CA GLU A 380 0.56 27.94 16.07
C GLU A 380 0.73 26.85 17.12
N ILE A 381 0.40 27.18 18.37
CA ILE A 381 0.49 26.24 19.50
C ILE A 381 -0.75 26.32 20.38
N LYS A 382 -0.84 25.38 21.32
CA LYS A 382 -1.84 25.42 22.40
C LYS A 382 -1.16 25.86 23.69
N ASP A 383 -1.91 26.54 24.55
CA ASP A 383 -1.37 27.07 25.83
C ASP A 383 -0.93 25.99 26.83
N THR A 384 -1.47 24.78 26.70
CA THR A 384 -1.05 23.62 27.51
C THR A 384 0.34 23.07 27.14
N MET A 385 0.83 23.38 25.94
CA MET A 385 2.11 22.84 25.45
C MET A 385 3.32 23.33 26.26
N LYS A 386 4.35 22.50 26.27
CA LYS A 386 5.60 22.74 26.98
C LYS A 386 6.76 22.80 25.97
N TYR A 387 7.97 23.02 26.48
CA TYR A 387 9.23 23.03 25.70
C TYR A 387 9.24 22.06 24.52
N GLY A 388 9.07 20.77 24.81
CA GLY A 388 9.17 19.70 23.81
C GLY A 388 8.08 19.71 22.76
N HIS A 389 6.84 19.94 23.20
CA HIS A 389 5.69 20.07 22.29
C HIS A 389 5.91 21.21 21.28
N ILE A 390 6.44 22.33 21.77
CA ILE A 390 6.64 23.53 20.95
C ILE A 390 7.78 23.33 19.94
N LEU A 391 8.89 22.73 20.38
CA LEU A 391 9.99 22.34 19.48
C LEU A 391 9.49 21.51 18.30
N ASN A 392 8.58 20.57 18.58
CA ASN A 392 7.99 19.74 17.53
C ASN A 392 7.14 20.54 16.55
N GLU A 393 6.36 21.51 17.06
CA GLU A 393 5.56 22.39 16.20
C GLU A 393 6.44 23.27 15.30
N PHE A 394 7.55 23.76 15.83
CA PHE A 394 8.58 24.43 15.01
C PHE A 394 9.03 23.53 13.86
N PHE A 395 9.32 22.26 14.19
CA PHE A 395 9.74 21.28 13.19
C PHE A 395 8.66 20.96 12.15
N GLU A 396 7.45 20.66 12.62
CA GLU A 396 6.35 20.26 11.72
C GLU A 396 5.90 21.38 10.78
N GLN A 397 5.93 22.62 11.26
CA GLN A 397 5.43 23.78 10.50
C GLN A 397 6.47 24.47 9.63
N LYS A 398 7.74 24.46 10.04
CA LYS A 398 8.83 25.15 9.31
C LYS A 398 9.88 24.25 8.62
N VAL A 399 10.05 23.00 9.06
CA VAL A 399 11.13 22.12 8.57
C VAL A 399 10.62 20.93 7.75
N GLU A 400 9.72 20.15 8.34
CA GLU A 400 9.25 18.85 7.82
C GLU A 400 9.12 18.74 6.28
N GLU A 401 8.38 19.66 5.69
CA GLU A 401 8.11 19.65 4.24
C GLU A 401 9.35 19.82 3.34
N THR A 402 10.41 20.42 3.87
CA THR A 402 11.65 20.63 3.11
C THR A 402 12.56 19.40 2.99
N LEU A 403 12.25 18.35 3.77
CA LEU A 403 13.06 17.13 3.80
C LEU A 403 12.64 16.18 2.67
N ILE A 404 13.16 16.44 1.47
CA ILE A 404 12.80 15.68 0.26
C ILE A 404 13.68 14.43 0.13
N GLN A 405 14.99 14.62 0.25
CA GLN A 405 15.94 13.50 0.23
C GLN A 405 15.86 12.77 1.58
N PRO A 406 16.13 11.44 1.59
CA PRO A 406 15.89 10.64 2.80
C PRO A 406 16.68 11.14 4.00
N THR A 407 15.97 11.47 5.08
CA THR A 407 16.57 12.11 6.25
C THR A 407 16.04 11.47 7.54
N PHE A 408 16.96 10.94 8.33
CA PHE A 408 16.65 10.50 9.69
C PHE A 408 16.70 11.72 10.60
N ILE A 409 15.53 12.20 11.03
CA ILE A 409 15.44 13.25 12.06
C ILE A 409 15.39 12.52 13.40
N TYR A 410 16.31 12.86 14.30
CA TYR A 410 16.40 12.18 15.60
C TYR A 410 16.47 13.13 16.79
N GLY A 411 16.38 12.56 17.99
CA GLY A 411 16.47 13.32 19.23
C GLY A 411 15.17 13.98 19.64
N HIS A 412 14.04 13.31 19.37
CA HIS A 412 12.72 13.86 19.69
C HIS A 412 12.57 14.08 21.19
N PRO A 413 11.95 15.21 21.60
CA PRO A 413 11.82 15.48 23.03
C PRO A 413 10.92 14.47 23.76
N THR A 414 11.18 14.31 25.06
CA THR A 414 10.49 13.33 25.91
C THR A 414 8.96 13.49 25.93
N GLU A 415 8.49 14.73 25.86
CA GLU A 415 7.05 15.04 25.96
C GLU A 415 6.19 14.40 24.87
N ILE A 416 6.77 14.21 23.68
CA ILE A 416 6.08 13.59 22.54
C ILE A 416 6.52 12.13 22.27
N SER A 417 7.27 11.54 23.21
CA SER A 417 7.91 10.23 23.00
C SER A 417 7.73 9.33 24.24
N PRO A 418 6.47 8.96 24.55
CA PRO A 418 6.15 8.24 25.78
C PRO A 418 6.68 6.80 25.91
N LEU A 419 7.06 6.17 24.80
CA LEU A 419 7.57 4.80 24.80
C LEU A 419 9.07 4.70 24.47
N ALA A 420 9.72 5.84 24.24
CA ALA A 420 11.13 5.89 23.87
C ALA A 420 12.00 6.15 25.10
N LYS A 421 13.17 5.51 25.14
CA LYS A 421 14.14 5.70 26.22
C LYS A 421 14.82 7.06 26.10
N LYS A 422 15.11 7.69 27.25
CA LYS A 422 15.80 8.98 27.28
C LYS A 422 17.24 8.84 26.81
N ASN A 423 17.76 9.91 26.21
CA ASN A 423 19.19 9.99 25.89
C ASN A 423 19.95 10.19 27.22
N PRO A 424 21.01 9.37 27.47
CA PRO A 424 21.72 9.51 28.76
C PRO A 424 22.43 10.86 28.96
N GLU A 425 23.08 11.35 27.90
CA GLU A 425 23.82 12.62 27.96
C GLU A 425 22.94 13.88 28.05
N ASP A 426 21.67 13.78 27.66
CA ASP A 426 20.73 14.92 27.66
C ASP A 426 19.29 14.40 27.79
N PRO A 427 18.80 14.21 29.04
CA PRO A 427 17.45 13.66 29.30
C PRO A 427 16.24 14.43 28.76
N ARG A 428 16.44 15.65 28.24
CA ARG A 428 15.38 16.38 27.53
C ARG A 428 14.90 15.65 26.27
N PHE A 429 15.81 14.91 25.63
CA PHE A 429 15.55 14.22 24.36
C PHE A 429 15.61 12.70 24.52
N THR A 430 14.94 12.00 23.61
CA THR A 430 14.92 10.53 23.59
C THR A 430 15.75 10.01 22.42
N ASP A 431 16.17 8.75 22.53
CA ASP A 431 16.84 8.05 21.43
C ASP A 431 15.80 7.51 20.48
N ARG A 432 15.26 8.43 19.68
CA ARG A 432 14.19 8.18 18.73
C ARG A 432 14.57 8.80 17.41
N PHE A 433 14.06 8.23 16.32
CA PHE A 433 14.10 8.92 15.03
C PHE A 433 12.80 8.77 14.25
N GLU A 434 12.60 9.70 13.33
CA GLU A 434 11.58 9.61 12.30
C GLU A 434 12.28 9.76 10.95
N LEU A 435 11.92 8.91 10.00
CA LEU A 435 12.43 8.98 8.63
C LEU A 435 11.53 9.89 7.82
N PHE A 436 12.12 10.90 7.19
CA PHE A 436 11.40 11.78 6.27
C PHE A 436 11.94 11.66 4.85
N ILE A 437 11.02 11.41 3.91
CA ILE A 437 11.30 11.37 2.48
C ILE A 437 10.15 12.11 1.81
N VAL A 438 10.44 12.81 0.70
CA VAL A 438 9.47 13.65 -0.03
C VAL A 438 8.52 14.45 0.89
N GLY A 439 9.11 15.08 1.90
CA GLY A 439 8.40 15.99 2.80
C GLY A 439 7.37 15.37 3.72
N ARG A 440 7.50 14.07 4.01
CA ARG A 440 6.58 13.41 4.95
C ARG A 440 7.17 12.17 5.62
N GLU A 441 6.54 11.81 6.74
CA GLU A 441 7.03 10.75 7.62
C GLU A 441 6.83 9.37 6.97
N HIS A 442 7.91 8.59 6.91
CA HIS A 442 7.87 7.20 6.40
C HIS A 442 8.12 6.15 7.47
N ALA A 443 8.85 6.48 8.54
CA ALA A 443 9.11 5.53 9.62
C ALA A 443 9.26 6.23 10.97
N ASN A 444 8.97 5.48 12.03
CA ASN A 444 9.12 5.92 13.42
C ASN A 444 9.82 4.80 14.18
N ALA A 445 10.85 5.15 14.94
CA ALA A 445 11.69 4.15 15.60
C ALA A 445 12.38 4.70 16.83
N PHE A 446 12.61 3.85 17.83
CA PHE A 446 13.39 4.24 18.99
C PHE A 446 14.08 3.10 19.73
N THR A 447 15.07 3.48 20.55
CA THR A 447 15.59 2.64 21.60
C THR A 447 14.45 2.52 22.61
N GLU A 448 13.99 1.29 22.84
CA GLU A 448 12.76 1.06 23.59
C GLU A 448 12.93 1.32 25.08
N LEU A 449 11.86 1.85 25.70
CA LEU A 449 11.83 2.05 27.14
C LEU A 449 11.49 0.72 27.82
N ASN A 450 12.52 0.06 28.34
CA ASN A 450 12.35 -1.21 29.07
C ASN A 450 12.31 -1.03 30.60
N ASP A 451 12.46 0.21 31.07
CA ASP A 451 12.31 0.56 32.49
C ASP A 451 10.81 0.68 32.84
N PRO A 452 10.28 -0.25 33.65
CA PRO A 452 8.85 -0.21 33.97
C PRO A 452 8.43 0.89 34.96
N ILE A 453 9.38 1.44 35.71
CA ILE A 453 9.11 2.55 36.63
C ILE A 453 8.92 3.85 35.85
N ASP A 454 9.87 4.13 34.96
CA ASP A 454 9.78 5.28 34.05
C ASP A 454 8.55 5.16 33.14
N GLN A 455 8.32 3.97 32.58
CA GLN A 455 7.18 3.73 31.67
C GLN A 455 5.82 3.95 32.36
N LYS A 456 5.72 3.56 33.63
CA LYS A 456 4.58 3.89 34.48
C LYS A 456 4.42 5.41 34.60
N GLY A 457 5.54 6.10 34.85
CA GLY A 457 5.60 7.55 34.89
C GLY A 457 5.21 8.27 33.61
N ARG A 458 5.58 7.70 32.46
CA ARG A 458 5.19 8.26 31.15
C ARG A 458 3.67 8.12 30.98
N PHE A 459 3.17 6.91 31.25
CA PHE A 459 1.74 6.59 31.19
C PHE A 459 0.89 7.45 32.15
N GLU A 460 1.46 7.81 33.30
CA GLU A 460 0.79 8.69 34.26
C GLU A 460 0.72 10.13 33.73
N ALA A 461 1.83 10.59 33.14
CA ALA A 461 1.91 11.92 32.53
C ALA A 461 1.03 12.08 31.28
N GLN A 462 0.73 10.98 30.60
CA GLN A 462 -0.20 11.00 29.46
C GLN A 462 -1.66 11.16 29.91
N LEU A 463 -1.99 10.66 31.10
CA LEU A 463 -3.31 10.92 31.72
C LEU A 463 -3.51 12.38 32.13
N VAL A 464 -2.41 13.08 32.47
CA VAL A 464 -2.44 14.52 32.75
C VAL A 464 -2.80 15.29 31.47
N GLU A 465 -2.21 14.89 30.35
CA GLU A 465 -2.53 15.48 29.04
C GLU A 465 -3.95 15.13 28.57
N LYS A 466 -4.39 13.90 28.84
CA LYS A 466 -5.72 13.43 28.42
C LYS A 466 -6.87 14.13 29.16
N ALA A 467 -6.66 14.44 30.45
CA ALA A 467 -7.64 15.16 31.26
C ALA A 467 -7.79 16.64 30.85
N GLN A 468 -6.71 17.26 30.36
CA GLN A 468 -6.69 18.69 30.02
C GLN A 468 -6.85 19.04 28.53
N GLY A 469 -7.35 18.09 27.73
CA GLY A 469 -7.66 18.33 26.31
C GLY A 469 -6.61 17.85 25.33
N ASN A 470 -6.24 16.57 25.45
CA ASN A 470 -5.44 15.87 24.44
C ASN A 470 -6.07 14.49 24.24
N ASP A 471 -7.07 14.44 23.37
CA ASP A 471 -7.94 13.26 23.23
C ASP A 471 -7.24 12.05 22.58
N GLU A 472 -6.11 12.27 21.91
CA GLU A 472 -5.32 11.20 21.30
C GLU A 472 -4.03 10.94 22.11
N ALA A 473 -4.21 10.66 23.40
CA ALA A 473 -3.11 10.39 24.34
C ALA A 473 -3.11 8.93 24.79
N HIS A 474 -2.03 8.52 25.44
CA HIS A 474 -1.82 7.12 25.84
C HIS A 474 -2.64 6.77 27.08
N GLU A 475 -3.24 5.58 27.08
CA GLU A 475 -4.06 5.06 28.19
C GLU A 475 -3.18 4.32 29.22
N MET A 476 -3.79 3.83 30.31
CA MET A 476 -3.06 3.14 31.38
C MET A 476 -3.16 1.61 31.26
N ASP A 477 -2.17 1.02 30.57
CA ASP A 477 -2.10 -0.43 30.39
C ASP A 477 -1.28 -1.05 31.52
N GLU A 478 -1.98 -1.61 32.51
CA GLU A 478 -1.35 -2.22 33.69
C GLU A 478 -0.68 -3.56 33.36
N ASP A 479 -1.32 -4.35 32.50
CA ASP A 479 -0.75 -5.62 32.04
C ASP A 479 0.58 -5.43 31.32
N TYR A 480 0.69 -4.38 30.50
CA TYR A 480 1.94 -4.06 29.79
C TYR A 480 3.08 -3.69 30.75
N ILE A 481 2.76 -2.92 31.80
CA ILE A 481 3.73 -2.57 32.83
C ILE A 481 4.17 -3.84 33.58
N GLU A 482 3.21 -4.72 33.89
CA GLU A 482 3.50 -5.98 34.55
C GLU A 482 4.47 -6.85 33.72
N ALA A 483 4.26 -6.87 32.40
CA ALA A 483 5.16 -7.60 31.49
C ALA A 483 6.59 -7.06 31.55
N LEU A 484 6.74 -5.72 31.50
CA LEU A 484 8.05 -5.09 31.63
C LEU A 484 8.75 -5.36 32.97
N GLU A 485 7.98 -5.55 34.04
CA GLU A 485 8.54 -5.87 35.37
C GLU A 485 9.20 -7.26 35.45
N TYR A 486 8.73 -8.21 34.62
CA TYR A 486 9.41 -9.51 34.49
C TYR A 486 10.78 -9.43 33.80
N GLY A 487 11.02 -8.33 33.08
CA GLY A 487 12.32 -8.02 32.49
C GLY A 487 12.27 -8.08 30.97
N MET A 488 12.34 -6.90 30.34
CA MET A 488 12.53 -6.81 28.89
C MET A 488 13.98 -6.42 28.62
N PRO A 489 14.67 -7.14 27.71
CA PRO A 489 16.05 -6.73 27.38
C PRO A 489 16.10 -5.38 26.68
N PRO A 490 17.31 -4.76 26.60
CA PRO A 490 17.42 -3.56 25.77
C PRO A 490 17.03 -3.90 24.34
N THR A 491 16.21 -3.06 23.73
CA THR A 491 15.55 -3.39 22.46
C THR A 491 15.46 -2.15 21.56
N GLY A 492 15.60 -2.39 20.25
CA GLY A 492 15.38 -1.37 19.23
C GLY A 492 14.11 -1.74 18.48
N GLY A 493 13.26 -0.74 18.23
CA GLY A 493 11.97 -0.95 17.58
C GLY A 493 11.79 -0.04 16.38
N LEU A 494 10.98 -0.50 15.43
CA LEU A 494 10.78 0.19 14.15
C LEU A 494 9.34 0.06 13.71
N GLY A 495 8.77 1.15 13.20
CA GLY A 495 7.47 1.14 12.53
C GLY A 495 7.60 1.85 11.20
N ILE A 496 7.17 1.19 10.11
CA ILE A 496 7.15 1.79 8.77
C ILE A 496 5.74 1.73 8.23
N GLY A 497 5.26 2.87 7.72
CA GLY A 497 4.01 2.93 6.98
C GLY A 497 4.21 2.33 5.59
N ILE A 498 3.63 1.15 5.36
CA ILE A 498 3.84 0.41 4.12
C ILE A 498 3.25 1.14 2.92
N ASP A 499 2.06 1.74 3.10
CA ASP A 499 1.37 2.44 2.01
C ASP A 499 2.18 3.63 1.50
N ARG A 500 2.78 4.39 2.43
CA ARG A 500 3.65 5.51 2.06
C ARG A 500 4.95 5.07 1.38
N LEU A 501 5.52 3.95 1.82
CA LEU A 501 6.67 3.36 1.16
C LEU A 501 6.31 2.94 -0.27
N VAL A 502 5.15 2.32 -0.43
CA VAL A 502 4.65 1.90 -1.75
C VAL A 502 4.41 3.11 -2.65
N MET A 503 3.86 4.19 -2.09
CA MET A 503 3.67 5.46 -2.83
C MET A 503 4.99 5.98 -3.41
N LEU A 504 6.03 6.01 -2.57
CA LEU A 504 7.36 6.47 -2.98
C LEU A 504 7.92 5.63 -4.14
N LEU A 505 7.88 4.31 -3.98
CA LEU A 505 8.50 3.39 -4.94
C LEU A 505 7.66 3.11 -6.20
N THR A 506 6.39 3.51 -6.20
CA THR A 506 5.53 3.40 -7.39
C THR A 506 5.21 4.75 -8.03
N ASP A 507 5.78 5.84 -7.49
CA ASP A 507 5.51 7.20 -7.97
C ASP A 507 4.00 7.51 -7.98
N SER A 508 3.36 7.28 -6.83
CA SER A 508 1.94 7.55 -6.63
C SER A 508 1.77 8.79 -5.75
N PRO A 509 0.98 9.78 -6.22
CA PRO A 509 0.82 11.03 -5.46
C PRO A 509 -0.07 10.95 -4.22
N SER A 510 -1.00 9.98 -4.18
CA SER A 510 -1.97 9.85 -3.09
C SER A 510 -2.02 8.41 -2.57
N ILE A 511 -2.39 8.26 -1.31
CA ILE A 511 -2.58 6.94 -0.70
C ILE A 511 -3.73 6.15 -1.36
N ARG A 512 -4.72 6.86 -1.92
CA ARG A 512 -5.82 6.22 -2.64
C ARG A 512 -5.39 5.52 -3.94
N ASP A 513 -4.23 5.90 -4.47
CA ASP A 513 -3.64 5.23 -5.64
C ASP A 513 -2.92 3.90 -5.33
N VAL A 514 -2.54 3.70 -4.07
CA VAL A 514 -1.86 2.45 -3.65
C VAL A 514 -2.75 1.47 -2.85
N LEU A 515 -3.99 1.87 -2.58
CA LEU A 515 -5.00 0.99 -1.98
C LEU A 515 -5.98 0.57 -3.06
N LEU A 516 -6.32 -0.72 -3.10
CA LEU A 516 -7.26 -1.23 -4.11
C LEU A 516 -8.67 -0.65 -3.93
N PHE A 517 -9.15 -0.63 -2.69
CA PHE A 517 -10.46 -0.08 -2.37
C PHE A 517 -10.32 0.95 -1.24
N PRO A 518 -9.84 2.17 -1.57
CA PRO A 518 -9.69 3.19 -0.54
C PRO A 518 -11.04 3.65 -0.01
N TYR A 519 -11.06 4.16 1.21
CA TYR A 519 -12.31 4.62 1.82
C TYR A 519 -12.85 5.85 1.07
N MET A 520 -14.10 5.76 0.62
CA MET A 520 -14.79 6.86 -0.05
C MET A 520 -16.09 7.19 0.70
N ARG A 521 -16.41 8.48 0.74
CA ARG A 521 -17.60 8.99 1.45
C ARG A 521 -18.89 8.46 0.80
N GLN A 522 -19.92 8.25 1.61
CA GLN A 522 -21.20 7.67 1.18
C GLN A 522 -21.02 6.23 0.67
N LYS B . 3.95 2.25 17.36
CA LYS B . 4.74 3.18 16.48
C LYS B . 3.84 4.01 15.58
O LYS B . 2.69 3.67 15.31
CB LYS B . 5.74 2.40 15.61
CG LYS B . 6.89 1.77 16.37
CD LYS B . 7.80 2.83 16.99
CE LYS B . 9.05 2.21 17.59
NZ LYS B . 8.72 1.28 18.70
OXT LYS B . 4.28 5.06 15.11
C1 GOL C . -14.58 -26.61 -36.08
O1 GOL C . -15.59 -26.61 -37.10
C2 GOL C . -15.01 -27.43 -34.86
O2 GOL C . -16.44 -27.56 -34.79
C3 GOL C . -14.49 -26.79 -33.57
O3 GOL C . -15.19 -25.57 -33.32
C1 GOL D . 20.51 14.41 22.29
O1 GOL D . 19.42 13.82 21.59
C2 GOL D . 21.81 13.70 21.92
O2 GOL D . 22.15 13.99 20.56
C3 GOL D . 22.95 14.16 22.83
O3 GOL D . 23.95 13.13 22.89
C1 GOL E . 18.09 31.66 23.45
O1 GOL E . 19.42 32.16 23.47
C2 GOL E . 17.61 31.30 22.03
O2 GOL E . 16.79 32.35 21.52
C3 GOL E . 18.78 31.07 21.06
O3 GOL E . 18.27 30.57 19.82
C1 GOL F . 3.31 5.87 12.37
O1 GOL F . 2.24 6.07 13.31
C2 GOL F . 2.75 5.87 10.95
O2 GOL F . 2.01 7.07 10.73
C3 GOL F . 3.87 5.77 9.91
O3 GOL F . 5.15 5.39 10.44
C1 GOL G . -2.91 6.79 7.46
O1 GOL G . -3.98 7.44 6.78
C2 GOL G . -1.63 7.63 7.38
O2 GOL G . -0.69 7.18 8.36
C3 GOL G . -1.03 7.54 5.98
O3 GOL G . -0.44 6.25 5.79
C1 GOL H . 23.04 -14.46 16.93
O1 GOL H . 23.82 -14.87 15.81
C2 GOL H . 22.50 -13.05 16.73
O2 GOL H . 23.59 -12.15 16.54
C3 GOL H . 21.57 -12.99 15.51
O3 GOL H . 20.41 -13.80 15.70
C1 GOL I . 13.37 -18.34 14.60
O1 GOL I . 12.87 -17.04 14.93
C2 GOL I . 13.65 -18.42 13.09
O2 GOL I . 12.46 -18.08 12.35
C3 GOL I . 14.79 -17.49 12.71
O3 GOL I . 15.78 -18.19 11.95
#